data_6Z3E
#
_entry.id   6Z3E
#
_cell.length_a   41.280
_cell.length_b   57.230
_cell.length_c   106.760
_cell.angle_alpha   90.000
_cell.angle_beta   90.000
_cell.angle_gamma   90.000
#
_symmetry.space_group_name_H-M   'P 21 21 21'
#
loop_
_entity.id
_entity.type
_entity.pdbx_description
1 polymer 'GTPase IMAP family member 5'
2 non-polymer 'MAGNESIUM ION'
3 non-polymer "GUANOSINE-5'-DIPHOSPHATE"
4 water water
#
_entity_poly.entity_id   1
_entity_poly.type   'polypeptide(L)'
_entity_poly.pdbx_seq_one_letter_code
;GPMGGFQRGKYGTMAEGRSEDNLSATPPALRIILVGKTGCGKSATGNSILGQPVFESKLRAQSVTRTCQVKTGTWNGRKV
LVVDTPSIFESQADTQELYKNIGDCYLLSAPGPHVLLLVIQLGRFTAQDTVAIRKVKEVFGTGAMRHVVILFTHKEDLGG
QALDDYVANTDNCSLKDLVRECERRYCAFNNWGSVEEQRQQQAELLAVIERLGREREGSFHSNDLFLDAQLLQRTGAGAC
QEDYRQYQAKVEWQVEKHKQELRENESNWAYKALLRVK
;
_entity_poly.pdbx_strand_id   A
#
# COMPACT_ATOMS: atom_id res chain seq x y z
N ALA A 29 -16.22 5.58 2.14
CA ALA A 29 -15.56 4.29 2.31
C ALA A 29 -14.04 4.45 2.35
N LEU A 30 -13.42 3.88 3.38
CA LEU A 30 -11.99 3.99 3.58
C LEU A 30 -11.23 3.25 2.49
N ARG A 31 -10.32 3.96 1.81
CA ARG A 31 -9.58 3.44 0.68
C ARG A 31 -8.14 3.17 1.10
N ILE A 32 -7.70 1.93 0.93
CA ILE A 32 -6.36 1.51 1.33
C ILE A 32 -5.65 0.88 0.14
N ILE A 33 -4.37 1.17 -0.02
CA ILE A 33 -3.55 0.54 -1.06
C ILE A 33 -2.43 -0.27 -0.39
N LEU A 34 -2.37 -1.55 -0.74
CA LEU A 34 -1.31 -2.44 -0.29
C LEU A 34 -0.09 -2.24 -1.18
N VAL A 35 1.05 -1.85 -0.58
CA VAL A 35 2.28 -1.61 -1.33
C VAL A 35 3.41 -2.40 -0.68
N GLY A 36 4.40 -2.76 -1.48
CA GLY A 36 5.53 -3.52 -1.00
C GLY A 36 6.06 -4.44 -2.07
N LYS A 37 7.19 -5.08 -1.78
CA LYS A 37 7.75 -6.05 -2.70
C LYS A 37 6.94 -7.34 -2.70
N THR A 38 7.12 -8.16 -3.73
CA THR A 38 6.46 -9.45 -3.79
C THR A 38 6.97 -10.35 -2.68
N GLY A 39 6.03 -11.06 -2.04
CA GLY A 39 6.34 -12.06 -1.03
C GLY A 39 6.45 -11.54 0.38
N CYS A 40 6.08 -10.29 0.64
CA CYS A 40 6.14 -9.76 2.00
C CYS A 40 4.82 -9.88 2.75
N GLY A 41 3.71 -10.11 2.05
CA GLY A 41 2.46 -10.36 2.73
C GLY A 41 1.36 -9.36 2.40
N LYS A 42 1.46 -8.69 1.26
CA LYS A 42 0.43 -7.75 0.85
C LYS A 42 -0.93 -8.43 0.75
N SER A 43 -1.01 -9.51 -0.03
CA SER A 43 -2.29 -10.15 -0.27
C SER A 43 -2.88 -10.74 1.00
N ALA A 44 -2.04 -11.41 1.81
CA ALA A 44 -2.52 -11.98 3.06
C ALA A 44 -2.99 -10.89 4.02
N THR A 45 -2.27 -9.77 4.07
CA THR A 45 -2.69 -8.64 4.90
C THR A 45 -4.05 -8.11 4.45
N GLY A 46 -4.25 -7.96 3.15
CA GLY A 46 -5.55 -7.53 2.65
C GLY A 46 -6.65 -8.53 2.95
N ASN A 47 -6.31 -9.82 2.93
CA ASN A 47 -7.29 -10.84 3.26
C ASN A 47 -7.66 -10.81 4.73
N SER A 48 -6.71 -10.49 5.59
CA SER A 48 -6.99 -10.46 7.02
C SER A 48 -7.72 -9.19 7.43
N ILE A 49 -7.47 -8.08 6.74
CA ILE A 49 -8.23 -6.87 7.00
C ILE A 49 -9.70 -7.08 6.67
N LEU A 50 -9.98 -7.57 5.45
CA LEU A 50 -11.35 -7.80 5.02
C LEU A 50 -11.99 -9.04 5.65
N GLY A 51 -11.19 -9.93 6.22
CA GLY A 51 -11.74 -11.13 6.84
C GLY A 51 -12.24 -12.17 5.87
N GLN A 52 -11.75 -12.16 4.63
CA GLN A 52 -12.22 -13.05 3.60
C GLN A 52 -11.01 -13.51 2.79
N PRO A 53 -11.04 -14.72 2.25
CA PRO A 53 -10.04 -15.03 1.23
C PRO A 53 -10.44 -14.43 -0.12
N VAL A 54 -9.88 -13.26 -0.45
CA VAL A 54 -10.24 -12.56 -1.68
C VAL A 54 -9.05 -12.24 -2.57
N PHE A 55 -7.83 -12.18 -2.05
CA PHE A 55 -6.66 -11.94 -2.87
C PHE A 55 -5.83 -13.22 -2.93
N GLU A 56 -5.29 -13.51 -4.11
CA GLU A 56 -4.50 -14.71 -4.28
C GLU A 56 -3.25 -14.65 -3.43
N SER A 57 -3.12 -15.59 -2.49
CA SER A 57 -1.92 -15.73 -1.68
C SER A 57 -1.53 -17.21 -1.69
N LYS A 58 -0.80 -17.61 -2.72
CA LYS A 58 -0.31 -18.97 -2.83
C LYS A 58 0.81 -19.20 -1.82
N LEU A 59 1.04 -20.47 -1.48
CA LEU A 59 2.13 -20.79 -0.57
C LEU A 59 3.43 -21.05 -1.34
N ARG A 60 3.40 -21.99 -2.29
CA ARG A 60 4.58 -22.29 -3.09
CA ARG A 60 4.58 -22.33 -3.09
C ARG A 60 4.28 -22.31 -4.58
N ALA A 61 3.05 -22.69 -4.96
CA ALA A 61 2.73 -22.94 -6.35
C ALA A 61 2.65 -21.64 -7.17
N GLN A 62 2.59 -21.82 -8.48
CA GLN A 62 2.59 -20.71 -9.44
C GLN A 62 1.38 -19.81 -9.23
N SER A 63 1.61 -18.51 -9.29
CA SER A 63 0.54 -17.54 -9.09
C SER A 63 -0.10 -17.14 -10.41
N VAL A 64 -1.29 -16.56 -10.32
CA VAL A 64 -2.07 -16.17 -11.48
C VAL A 64 -2.24 -14.65 -11.56
N THR A 65 -2.41 -13.99 -10.43
CA THR A 65 -2.71 -12.55 -10.41
C THR A 65 -1.49 -11.77 -10.90
N ARG A 66 -1.64 -11.10 -12.04
CA ARG A 66 -0.59 -10.26 -12.60
C ARG A 66 -0.88 -8.77 -12.47
N THR A 67 -2.06 -8.38 -11.98
CA THR A 67 -2.50 -6.99 -12.02
C THR A 67 -3.21 -6.64 -10.71
N CYS A 68 -3.46 -5.35 -10.53
CA CYS A 68 -4.12 -4.84 -9.33
C CYS A 68 -5.51 -5.43 -9.15
N GLN A 69 -5.85 -5.76 -7.90
CA GLN A 69 -7.17 -6.26 -7.54
C GLN A 69 -7.78 -5.33 -6.49
N VAL A 70 -9.10 -5.14 -6.57
CA VAL A 70 -9.82 -4.28 -5.63
C VAL A 70 -10.95 -5.10 -5.02
N LYS A 71 -11.11 -5.00 -3.70
CA LYS A 71 -12.14 -5.73 -3.00
C LYS A 71 -12.73 -4.82 -1.93
N THR A 72 -14.05 -4.68 -1.94
CA THR A 72 -14.77 -3.90 -0.95
C THR A 72 -15.30 -4.82 0.14
N GLY A 73 -15.26 -4.36 1.37
CA GLY A 73 -15.74 -5.15 2.48
C GLY A 73 -16.03 -4.29 3.68
N THR A 74 -16.07 -4.93 4.83
CA THR A 74 -16.28 -4.25 6.11
C THR A 74 -15.16 -4.64 7.06
N TRP A 75 -14.69 -3.65 7.82
CA TRP A 75 -13.54 -3.80 8.70
C TRP A 75 -13.82 -3.02 9.97
N ASN A 76 -14.01 -3.73 11.09
CA ASN A 76 -14.36 -3.12 12.38
C ASN A 76 -15.64 -2.30 12.27
N GLY A 77 -16.59 -2.80 11.49
CA GLY A 77 -17.85 -2.11 11.27
C GLY A 77 -17.79 -0.95 10.31
N ARG A 78 -16.62 -0.63 9.77
CA ARG A 78 -16.45 0.46 8.82
CA ARG A 78 -16.44 0.46 8.82
C ARG A 78 -16.29 -0.11 7.41
N LYS A 79 -16.96 0.52 6.46
CA LYS A 79 -16.86 0.10 5.06
C LYS A 79 -15.47 0.44 4.52
N VAL A 80 -14.84 -0.53 3.85
CA VAL A 80 -13.44 -0.42 3.44
C VAL A 80 -13.29 -0.87 2.00
N LEU A 81 -12.42 -0.16 1.26
CA LEU A 81 -11.99 -0.54 -0.08
C LEU A 81 -10.49 -0.80 -0.04
N VAL A 82 -10.07 -1.98 -0.49
CA VAL A 82 -8.67 -2.39 -0.43
C VAL A 82 -8.18 -2.70 -1.84
N VAL A 83 -7.09 -2.05 -2.24
CA VAL A 83 -6.46 -2.26 -3.55
C VAL A 83 -5.16 -3.01 -3.33
N ASP A 84 -5.06 -4.22 -3.88
CA ASP A 84 -3.86 -5.04 -3.80
C ASP A 84 -3.04 -4.85 -5.07
N THR A 85 -1.72 -4.87 -4.93
CA THR A 85 -0.87 -4.54 -6.06
C THR A 85 0.03 -5.70 -6.48
N PRO A 86 0.31 -5.82 -7.78
CA PRO A 86 1.38 -6.72 -8.23
C PRO A 86 2.75 -6.13 -8.01
N SER A 87 3.78 -6.73 -8.63
CA SER A 87 5.15 -6.28 -8.45
C SER A 87 5.43 -4.96 -9.15
N ILE A 88 4.71 -3.91 -8.75
CA ILE A 88 4.98 -2.57 -9.24
C ILE A 88 6.22 -1.98 -8.58
N PHE A 89 6.57 -2.45 -7.40
CA PHE A 89 7.50 -1.76 -6.50
C PHE A 89 8.84 -2.49 -6.45
N GLU A 90 9.32 -2.94 -7.60
CA GLU A 90 10.51 -3.77 -7.66
C GLU A 90 11.36 -3.34 -8.84
N SER A 91 12.64 -3.72 -8.78
CA SER A 91 13.54 -3.47 -9.90
C SER A 91 12.96 -4.09 -11.16
N GLN A 92 12.96 -3.31 -12.24
CA GLN A 92 12.07 -3.61 -13.35
C GLN A 92 12.40 -2.65 -14.47
N ALA A 93 12.10 -3.07 -15.70
CA ALA A 93 12.28 -2.21 -16.87
C ALA A 93 11.01 -1.44 -17.15
N ASP A 94 11.17 -0.25 -17.74
CA ASP A 94 10.02 0.60 -18.07
C ASP A 94 9.28 0.00 -19.26
N THR A 95 8.08 -0.54 -19.01
CA THR A 95 7.29 -1.21 -20.03
C THR A 95 5.82 -0.85 -19.87
N GLN A 96 5.05 -1.07 -20.93
CA GLN A 96 3.61 -0.85 -20.90
C GLN A 96 2.96 -1.56 -19.72
N GLU A 97 3.47 -2.74 -19.35
CA GLU A 97 2.86 -3.49 -18.26
C GLU A 97 2.96 -2.74 -16.93
N LEU A 98 4.11 -2.08 -16.70
CA LEU A 98 4.26 -1.29 -15.48
C LEU A 98 3.22 -0.17 -15.42
N TYR A 99 3.05 0.55 -16.52
CA TYR A 99 2.18 1.71 -16.51
C TYR A 99 0.71 1.30 -16.58
N LYS A 100 0.42 0.13 -17.15
CA LYS A 100 -0.92 -0.43 -17.04
C LYS A 100 -1.28 -0.74 -15.59
N ASN A 101 -0.31 -1.20 -14.81
CA ASN A 101 -0.57 -1.60 -13.43
C ASN A 101 -0.52 -0.42 -12.46
N ILE A 102 0.34 0.56 -12.70
CA ILE A 102 0.21 1.80 -11.95
C ILE A 102 -1.08 2.50 -12.34
N GLY A 103 -1.50 2.36 -13.60
CA GLY A 103 -2.73 2.99 -14.04
C GLY A 103 -3.95 2.39 -13.38
N ASP A 104 -4.04 1.06 -13.34
CA ASP A 104 -5.12 0.41 -12.60
C ASP A 104 -5.06 0.77 -11.12
N CYS A 105 -3.86 0.99 -10.60
CA CYS A 105 -3.73 1.31 -9.18
C CYS A 105 -4.44 2.62 -8.85
N TYR A 106 -4.22 3.66 -9.67
CA TYR A 106 -4.94 4.92 -9.41
C TYR A 106 -6.42 4.83 -9.78
N LEU A 107 -6.76 4.06 -10.82
CA LEU A 107 -8.17 3.94 -11.19
C LEU A 107 -8.97 3.34 -10.06
N LEU A 108 -8.45 2.30 -9.41
CA LEU A 108 -9.21 1.61 -8.37
C LEU A 108 -9.30 2.45 -7.10
N SER A 109 -8.25 3.20 -6.78
CA SER A 109 -8.18 3.96 -5.54
C SER A 109 -8.63 5.42 -5.70
N ALA A 110 -9.06 5.81 -6.89
CA ALA A 110 -9.50 7.19 -7.10
C ALA A 110 -10.60 7.55 -6.12
N PRO A 111 -10.63 8.79 -5.60
CA PRO A 111 -9.72 9.89 -5.96
C PRO A 111 -8.37 9.87 -5.26
N GLY A 112 -8.08 8.79 -4.53
CA GLY A 112 -6.80 8.68 -3.84
C GLY A 112 -6.90 7.96 -2.50
N PRO A 113 -5.79 7.36 -2.08
CA PRO A 113 -5.82 6.54 -0.88
C PRO A 113 -5.78 7.36 0.39
N HIS A 114 -6.59 6.96 1.38
CA HIS A 114 -6.46 7.53 2.72
C HIS A 114 -5.21 6.99 3.40
N VAL A 115 -4.89 5.72 3.16
CA VAL A 115 -3.77 5.03 3.80
C VAL A 115 -2.97 4.31 2.72
N LEU A 116 -1.66 4.47 2.75
CA LEU A 116 -0.74 3.62 2.00
C LEU A 116 -0.16 2.61 2.97
N LEU A 117 -0.48 1.34 2.76
CA LEU A 117 -0.19 0.31 3.76
C LEU A 117 1.08 -0.42 3.31
N LEU A 118 2.22 0.10 3.76
CA LEU A 118 3.52 -0.44 3.37
C LEU A 118 3.83 -1.68 4.21
N VAL A 119 3.88 -2.83 3.54
CA VAL A 119 4.03 -4.11 4.19
C VAL A 119 5.50 -4.51 4.18
N ILE A 120 6.06 -4.73 5.37
CA ILE A 120 7.41 -5.24 5.54
C ILE A 120 7.30 -6.59 6.25
N GLN A 121 7.94 -7.62 5.71
CA GLN A 121 8.05 -8.88 6.44
C GLN A 121 9.02 -8.70 7.60
N LEU A 122 8.52 -8.91 8.82
CA LEU A 122 9.32 -8.65 10.01
C LEU A 122 10.49 -9.63 10.08
N GLY A 123 11.70 -9.09 10.27
CA GLY A 123 12.89 -9.90 10.28
C GLY A 123 13.60 -9.88 8.95
N ARG A 124 12.83 -10.00 7.86
CA ARG A 124 13.36 -9.91 6.50
C ARG A 124 13.07 -8.53 5.91
N PHE A 125 13.94 -7.56 6.21
CA PHE A 125 14.01 -6.33 5.43
C PHE A 125 15.41 -6.22 4.84
N THR A 126 15.45 -6.33 3.52
CA THR A 126 16.63 -6.49 2.69
C THR A 126 16.69 -5.34 1.67
N ALA A 127 17.61 -5.46 0.71
CA ALA A 127 17.77 -4.41 -0.29
C ALA A 127 16.47 -4.19 -1.07
N GLN A 128 15.70 -5.24 -1.32
CA GLN A 128 14.53 -5.12 -2.18
C GLN A 128 13.43 -4.29 -1.53
N ASP A 129 13.25 -4.42 -0.21
CA ASP A 129 12.29 -3.56 0.47
C ASP A 129 12.74 -2.10 0.47
N THR A 130 14.06 -1.86 0.55
CA THR A 130 14.59 -0.51 0.37
C THR A 130 14.26 0.03 -1.02
N VAL A 131 14.39 -0.81 -2.04
CA VAL A 131 13.99 -0.45 -3.39
C VAL A 131 12.49 -0.19 -3.46
N ALA A 132 11.72 -0.96 -2.69
CA ALA A 132 10.26 -0.78 -2.71
C ALA A 132 9.86 0.56 -2.11
N ILE A 133 10.58 1.00 -1.07
CA ILE A 133 10.32 2.33 -0.50
C ILE A 133 10.58 3.41 -1.54
N ARG A 134 11.71 3.29 -2.24
CA ARG A 134 12.05 4.23 -3.31
C ARG A 134 10.92 4.35 -4.33
N LYS A 135 10.39 3.20 -4.78
CA LYS A 135 9.41 3.21 -5.86
C LYS A 135 7.99 3.50 -5.37
N VAL A 136 7.71 3.37 -4.08
CA VAL A 136 6.49 3.96 -3.53
C VAL A 136 6.48 5.47 -3.75
N LYS A 137 7.63 6.12 -3.53
CA LYS A 137 7.75 7.55 -3.77
C LYS A 137 7.59 7.87 -5.25
N GLU A 138 8.20 7.06 -6.12
CA GLU A 138 8.15 7.32 -7.55
C GLU A 138 6.74 7.13 -8.12
N VAL A 139 5.98 6.18 -7.57
CA VAL A 139 4.64 5.93 -8.05
C VAL A 139 3.66 6.98 -7.55
N PHE A 140 3.82 7.44 -6.31
CA PHE A 140 2.80 8.28 -5.70
C PHE A 140 3.22 9.73 -5.49
N GLY A 141 4.51 10.03 -5.39
CA GLY A 141 4.99 11.40 -5.38
C GLY A 141 5.05 12.04 -4.01
N THR A 142 5.18 13.38 -4.04
CA THR A 142 5.37 14.15 -2.82
C THR A 142 4.09 14.19 -1.99
N GLY A 143 4.22 13.93 -0.70
CA GLY A 143 3.10 13.89 0.21
C GLY A 143 2.55 12.52 0.49
N ALA A 144 3.05 11.49 -0.18
CA ALA A 144 2.52 10.16 0.02
C ALA A 144 2.95 9.56 1.35
N MET A 145 4.10 9.97 1.88
CA MET A 145 4.57 9.43 3.15
C MET A 145 3.74 9.90 4.33
N ARG A 146 3.05 11.03 4.19
CA ARG A 146 2.17 11.47 5.26
C ARG A 146 1.00 10.51 5.46
N HIS A 147 0.75 9.63 4.50
CA HIS A 147 -0.37 8.71 4.50
C HIS A 147 0.06 7.26 4.64
N VAL A 148 1.34 6.99 4.90
CA VAL A 148 1.87 5.64 4.92
C VAL A 148 1.78 5.09 6.33
N VAL A 149 1.35 3.83 6.43
CA VAL A 149 1.39 3.06 7.66
C VAL A 149 2.20 1.81 7.37
N ILE A 150 3.29 1.61 8.12
CA ILE A 150 4.04 0.37 8.02
C ILE A 150 3.20 -0.75 8.62
N LEU A 151 3.25 -1.92 8.00
CA LEU A 151 2.58 -3.09 8.56
C LEU A 151 3.56 -4.27 8.50
N PHE A 152 4.01 -4.71 9.66
CA PHE A 152 4.97 -5.81 9.73
C PHE A 152 4.22 -7.13 9.72
N THR A 153 4.42 -7.94 8.68
CA THR A 153 3.87 -9.28 8.70
C THR A 153 4.81 -10.21 9.48
N HIS A 154 4.34 -11.45 9.69
CA HIS A 154 5.08 -12.45 10.46
C HIS A 154 5.34 -11.99 11.88
N LYS A 155 4.34 -11.35 12.49
CA LYS A 155 4.40 -10.98 13.90
C LYS A 155 4.86 -12.15 14.77
N GLU A 156 4.49 -13.37 14.40
CA GLU A 156 4.82 -14.54 15.22
C GLU A 156 6.32 -14.80 15.25
N ASP A 157 7.06 -14.36 14.23
CA ASP A 157 8.51 -14.55 14.18
C ASP A 157 9.26 -13.62 15.11
N LEU A 158 8.51 -12.85 15.89
CA LEU A 158 9.06 -11.89 16.83
C LEU A 158 9.24 -12.49 18.22
N GLY A 159 9.01 -13.80 18.35
CA GLY A 159 9.16 -14.45 19.65
C GLY A 159 8.11 -13.96 20.63
N GLY A 160 8.55 -13.74 21.87
CA GLY A 160 7.71 -13.10 22.87
C GLY A 160 8.13 -11.65 23.05
N GLN A 161 8.88 -11.15 22.07
CA GLN A 161 9.41 -9.80 22.10
C GLN A 161 8.37 -8.80 21.63
N ALA A 162 8.41 -7.60 22.20
CA ALA A 162 7.48 -6.55 21.83
C ALA A 162 7.90 -5.91 20.50
N LEU A 163 6.89 -5.37 19.79
CA LEU A 163 7.15 -4.74 18.51
C LEU A 163 7.86 -3.40 18.67
N ASP A 164 7.45 -2.62 19.68
CA ASP A 164 8.15 -1.37 19.95
C ASP A 164 9.59 -1.62 20.34
N ASP A 165 9.84 -2.72 21.07
CA ASP A 165 11.21 -3.05 21.44
C ASP A 165 12.02 -3.51 20.22
N TYR A 166 11.37 -4.17 19.26
CA TYR A 166 12.07 -4.60 18.06
C TYR A 166 12.49 -3.41 17.20
N VAL A 167 11.55 -2.48 16.94
CA VAL A 167 11.80 -1.38 16.01
C VAL A 167 12.84 -0.42 16.56
N ALA A 168 12.93 -0.30 17.88
CA ALA A 168 13.94 0.59 18.45
C ALA A 168 15.32 -0.02 18.34
N ASN A 169 15.42 -1.33 18.20
CA ASN A 169 16.66 -2.06 18.42
C ASN A 169 17.22 -2.77 17.21
N THR A 170 16.56 -2.68 16.05
CA THR A 170 17.09 -3.34 14.86
C THR A 170 18.35 -2.66 14.37
N ASP A 171 19.30 -3.46 13.88
CA ASP A 171 20.48 -2.97 13.17
C ASP A 171 20.15 -2.73 11.71
N ASN A 172 19.14 -1.90 11.46
CA ASN A 172 18.72 -1.61 10.10
C ASN A 172 18.36 -0.13 10.02
N CYS A 173 19.33 0.68 9.58
CA CYS A 173 19.18 2.12 9.53
C CYS A 173 18.34 2.56 8.35
N SER A 174 18.18 1.71 7.33
CA SER A 174 17.19 1.97 6.31
C SER A 174 15.77 1.87 6.88
N LEU A 175 15.56 0.91 7.78
CA LEU A 175 14.24 0.73 8.40
C LEU A 175 13.93 1.89 9.36
N LYS A 176 14.94 2.37 10.10
CA LYS A 176 14.69 3.40 11.10
C LYS A 176 14.37 4.75 10.47
N ASP A 177 14.96 5.06 9.31
CA ASP A 177 14.51 6.23 8.57
C ASP A 177 13.03 6.12 8.21
N LEU A 178 12.62 4.93 7.75
CA LEU A 178 11.23 4.75 7.32
C LEU A 178 10.26 4.93 8.47
N VAL A 179 10.65 4.54 9.68
CA VAL A 179 9.79 4.69 10.85
C VAL A 179 9.69 6.17 11.25
N ARG A 180 10.77 6.93 11.09
CA ARG A 180 10.75 8.34 11.45
C ARG A 180 10.03 9.17 10.41
N GLU A 181 10.09 8.75 9.15
CA GLU A 181 9.39 9.44 8.08
C GLU A 181 7.90 9.14 8.12
N CYS A 182 7.52 7.96 8.60
CA CYS A 182 6.12 7.59 8.81
C CYS A 182 5.58 8.05 10.16
N GLU A 183 6.34 8.88 10.90
CA GLU A 183 5.94 9.38 12.21
C GLU A 183 5.54 8.26 13.17
N ARG A 184 6.31 7.16 13.12
CA ARG A 184 6.15 6.05 14.05
CA ARG A 184 6.15 6.05 14.05
C ARG A 184 4.75 5.44 13.96
N ARG A 185 4.23 5.35 12.74
CA ARG A 185 2.93 4.73 12.47
C ARG A 185 3.18 3.33 11.90
N TYR A 186 2.92 2.30 12.69
CA TYR A 186 3.35 0.96 12.32
C TYR A 186 2.62 -0.07 13.17
N CYS A 187 2.43 -1.26 12.60
CA CYS A 187 1.65 -2.32 13.21
C CYS A 187 2.15 -3.66 12.69
N ALA A 188 1.67 -4.74 13.31
CA ALA A 188 2.14 -6.08 12.99
C ALA A 188 0.98 -7.06 12.87
N PHE A 189 1.04 -7.93 11.87
CA PHE A 189 0.04 -8.99 11.69
C PHE A 189 0.66 -10.38 11.79
N ASN A 190 -0.13 -11.30 12.33
CA ASN A 190 0.01 -12.74 12.07
C ASN A 190 -1.14 -13.11 11.15
N ASN A 191 -0.86 -13.11 9.84
CA ASN A 191 -1.92 -13.38 8.88
C ASN A 191 -2.43 -14.82 8.97
N TRP A 192 -1.61 -15.75 9.46
CA TRP A 192 -2.05 -17.10 9.76
C TRP A 192 -2.59 -17.22 11.18
N GLY A 193 -3.02 -16.10 11.78
CA GLY A 193 -3.33 -16.10 13.18
C GLY A 193 -4.75 -16.57 13.48
N SER A 194 -4.94 -16.97 14.73
CA SER A 194 -6.23 -17.45 15.20
C SER A 194 -7.27 -16.34 15.18
N VAL A 195 -8.52 -16.72 15.48
CA VAL A 195 -9.62 -15.76 15.48
C VAL A 195 -9.38 -14.66 16.50
N GLU A 196 -9.02 -15.03 17.73
CA GLU A 196 -8.72 -14.05 18.77
C GLU A 196 -7.54 -13.18 18.35
N GLU A 197 -6.48 -13.82 17.86
CA GLU A 197 -5.24 -13.16 17.51
C GLU A 197 -5.41 -12.27 16.27
N GLN A 198 -6.41 -12.57 15.43
CA GLN A 198 -6.71 -11.71 14.30
C GLN A 198 -7.52 -10.50 14.74
N ARG A 199 -8.59 -10.74 15.51
CA ARG A 199 -9.36 -9.67 16.12
C ARG A 199 -8.48 -8.64 16.82
N GLN A 200 -7.51 -9.10 17.62
CA GLN A 200 -6.67 -8.17 18.37
C GLN A 200 -5.86 -7.28 17.44
N GLN A 201 -5.19 -7.87 16.45
CA GLN A 201 -4.29 -7.11 15.60
C GLN A 201 -5.03 -6.20 14.62
N GLN A 202 -6.33 -6.40 14.43
CA GLN A 202 -7.12 -5.46 13.64
C GLN A 202 -7.46 -4.22 14.44
N ALA A 203 -7.73 -4.39 15.74
CA ALA A 203 -8.01 -3.25 16.60
C ALA A 203 -6.79 -2.36 16.76
N GLU A 204 -5.60 -2.95 16.86
CA GLU A 204 -4.37 -2.17 16.97
C GLU A 204 -4.06 -1.44 15.67
N LEU A 205 -4.45 -2.01 14.52
CA LEU A 205 -4.32 -1.30 13.26
C LEU A 205 -5.30 -0.14 13.17
N LEU A 206 -6.54 -0.36 13.61
CA LEU A 206 -7.52 0.72 13.63
C LEU A 206 -7.01 1.91 14.44
N ALA A 207 -6.38 1.64 15.59
CA ALA A 207 -5.86 2.72 16.43
C ALA A 207 -4.88 3.58 15.66
N VAL A 208 -3.98 2.95 14.88
CA VAL A 208 -3.05 3.71 14.06
C VAL A 208 -3.78 4.50 12.99
N ILE A 209 -4.77 3.88 12.34
CA ILE A 209 -5.48 4.56 11.26
C ILE A 209 -6.40 5.65 11.81
N GLU A 210 -7.03 5.41 12.97
CA GLU A 210 -7.74 6.49 13.65
C GLU A 210 -6.84 7.71 13.85
N ARG A 211 -5.70 7.50 14.50
CA ARG A 211 -4.83 8.63 14.78
CA ARG A 211 -4.77 8.59 14.79
C ARG A 211 -4.29 9.25 13.49
N LEU A 212 -4.12 8.46 12.43
CA LEU A 212 -3.71 9.03 11.15
C LEU A 212 -4.85 9.82 10.52
N GLY A 213 -6.08 9.33 10.62
CA GLY A 213 -7.21 10.04 10.06
C GLY A 213 -7.46 11.38 10.74
N ARG A 214 -7.20 11.48 12.04
CA ARG A 214 -7.36 12.76 12.71
C ARG A 214 -6.21 13.71 12.39
N GLU A 215 -4.99 13.19 12.27
CA GLU A 215 -3.87 14.05 11.88
C GLU A 215 -4.01 14.55 10.46
N ARG A 216 -4.72 13.81 9.61
CA ARG A 216 -4.99 14.24 8.25
C ARG A 216 -6.39 14.82 8.08
N GLU A 217 -7.19 14.83 9.15
CA GLU A 217 -8.52 15.42 9.13
C GLU A 217 -9.40 14.83 8.02
N GLY A 218 -9.22 13.53 7.77
CA GLY A 218 -9.98 12.86 6.74
C GLY A 218 -9.44 13.02 5.33
N SER A 219 -8.22 13.52 5.19
CA SER A 219 -7.65 13.74 3.88
C SER A 219 -7.17 12.43 3.26
N PHE A 220 -7.27 12.36 1.93
CA PHE A 220 -6.67 11.28 1.15
C PHE A 220 -5.54 11.84 0.29
N HIS A 221 -4.54 11.01 0.03
CA HIS A 221 -3.44 11.43 -0.83
C HIS A 221 -3.91 11.56 -2.27
N SER A 222 -3.37 12.54 -2.98
CA SER A 222 -3.83 12.82 -4.33
C SER A 222 -2.76 13.55 -5.09
N ASN A 223 -2.86 13.49 -6.41
CA ASN A 223 -2.05 14.28 -7.34
C ASN A 223 -2.84 14.40 -8.64
N ASP A 224 -2.22 14.98 -9.68
CA ASP A 224 -2.94 15.18 -10.92
C ASP A 224 -3.38 13.87 -11.54
N LEU A 225 -2.59 12.81 -11.40
CA LEU A 225 -2.97 11.56 -12.06
C LEU A 225 -4.09 10.85 -11.31
N PHE A 226 -4.15 10.98 -9.98
CA PHE A 226 -5.37 10.59 -9.27
C PHE A 226 -6.56 11.40 -9.75
N LEU A 227 -6.42 12.73 -9.80
CA LEU A 227 -7.50 13.57 -10.27
C LEU A 227 -7.90 13.22 -11.69
N ASP A 228 -6.93 12.98 -12.57
CA ASP A 228 -7.24 12.62 -13.94
C ASP A 228 -7.97 11.29 -14.00
N ALA A 229 -7.64 10.36 -13.10
CA ALA A 229 -8.34 9.09 -13.05
C ALA A 229 -9.76 9.25 -12.50
N GLN A 230 -9.93 10.07 -11.46
CA GLN A 230 -11.24 10.31 -10.89
C GLN A 230 -12.22 10.87 -11.93
N LEU A 231 -11.78 11.88 -12.68
CA LEU A 231 -12.65 12.46 -13.70
C LEU A 231 -12.97 11.46 -14.80
N LEU A 232 -12.07 10.50 -15.03
CA LEU A 232 -12.25 9.56 -16.14
C LEU A 232 -13.34 8.55 -15.83
N GLN A 233 -13.45 8.11 -14.58
CA GLN A 233 -14.44 7.10 -14.20
C GLN A 233 -15.80 7.68 -13.87
N ARG A 234 -15.86 8.89 -13.34
CA ARG A 234 -17.13 9.45 -12.88
C ARG A 234 -18.13 9.55 -14.03
N THR A 235 -19.32 9.00 -13.81
CA THR A 235 -20.37 9.03 -14.82
C THR A 235 -20.80 10.48 -15.04
N GLY A 236 -21.25 10.75 -16.27
CA GLY A 236 -21.55 12.11 -16.66
C GLY A 236 -20.39 12.87 -17.24
N ALA A 237 -19.29 12.20 -17.59
CA ALA A 237 -18.20 12.86 -18.31
C ALA A 237 -18.59 13.09 -19.76
N GLY A 238 -19.16 12.08 -20.41
CA GLY A 238 -19.85 12.27 -21.67
C GLY A 238 -19.00 12.80 -22.81
N ALA A 239 -17.71 12.50 -22.82
CA ALA A 239 -16.90 12.94 -23.94
C ALA A 239 -16.06 11.80 -24.50
N CYS A 240 -15.60 10.91 -23.62
CA CYS A 240 -14.61 9.89 -23.96
C CYS A 240 -13.46 10.50 -24.77
N GLN A 241 -12.96 11.63 -24.29
CA GLN A 241 -11.80 12.26 -24.93
C GLN A 241 -10.57 11.40 -24.74
N GLU A 242 -10.40 10.85 -23.54
CA GLU A 242 -9.21 10.11 -23.14
C GLU A 242 -9.42 8.61 -23.44
N ASP A 243 -8.31 7.88 -23.44
CA ASP A 243 -8.27 6.52 -23.98
C ASP A 243 -7.33 5.70 -23.12
N TYR A 244 -7.37 4.36 -23.29
CA TYR A 244 -6.58 3.52 -22.39
C TYR A 244 -5.11 3.63 -22.73
N ARG A 245 -4.79 3.91 -24.00
CA ARG A 245 -3.44 4.28 -24.38
C ARG A 245 -3.08 5.67 -23.85
N GLN A 246 -3.97 6.65 -24.05
CA GLN A 246 -3.71 8.00 -23.60
C GLN A 246 -3.58 8.06 -22.07
N TYR A 247 -4.46 7.34 -21.36
CA TYR A 247 -4.37 7.32 -19.90
C TYR A 247 -3.04 6.73 -19.45
N GLN A 248 -2.71 5.53 -19.96
CA GLN A 248 -1.44 4.90 -19.61
C GLN A 248 -0.26 5.78 -20.01
N ALA A 249 -0.43 6.60 -21.05
CA ALA A 249 0.62 7.56 -21.41
C ALA A 249 0.71 8.68 -20.38
N LYS A 250 -0.44 9.20 -19.92
CA LYS A 250 -0.43 10.15 -18.82
C LYS A 250 0.19 9.55 -17.58
N VAL A 251 -0.01 8.25 -17.34
CA VAL A 251 0.57 7.61 -16.16
C VAL A 251 2.09 7.67 -16.21
N GLU A 252 2.66 7.34 -17.36
CA GLU A 252 4.12 7.42 -17.53
C GLU A 252 4.63 8.83 -17.33
N TRP A 253 3.97 9.82 -17.93
CA TRP A 253 4.44 11.20 -17.82
C TRP A 253 4.41 11.66 -16.37
N GLN A 254 3.44 11.16 -15.60
CA GLN A 254 3.33 11.55 -14.19
C GLN A 254 4.47 10.95 -13.36
N VAL A 255 4.80 9.68 -13.58
CA VAL A 255 5.84 9.02 -12.80
C VAL A 255 7.20 9.66 -13.07
N GLU A 256 7.45 10.04 -14.33
CA GLU A 256 8.69 10.74 -14.64
C GLU A 256 8.76 12.11 -13.97
N LYS A 257 7.62 12.77 -13.79
CA LYS A 257 7.59 13.98 -12.96
C LYS A 257 8.05 13.66 -11.53
N HIS A 258 7.51 12.59 -10.96
CA HIS A 258 7.92 12.16 -9.63
C HIS A 258 9.40 11.82 -9.59
N LYS A 259 9.95 11.31 -10.70
CA LYS A 259 11.35 10.93 -10.74
C LYS A 259 12.26 12.13 -10.93
N GLN A 260 11.81 13.15 -11.68
CA GLN A 260 12.53 14.42 -11.73
C GLN A 260 12.61 15.03 -10.35
N GLU A 261 11.44 15.35 -9.80
CA GLU A 261 11.31 16.07 -8.54
C GLU A 261 12.01 15.34 -7.40
N LEU A 262 12.26 14.05 -7.56
CA LEU A 262 12.95 13.26 -6.54
C LEU A 262 14.45 13.18 -6.80
N ARG A 263 14.87 13.28 -8.06
CA ARG A 263 16.28 13.49 -8.39
C ARG A 263 16.77 14.87 -7.94
N GLU A 264 15.86 15.76 -7.55
CA GLU A 264 16.19 17.12 -7.13
C GLU A 264 16.23 17.13 -5.60
N ASN A 265 17.42 16.96 -5.06
CA ASN A 265 17.61 16.71 -3.64
C ASN A 265 18.74 17.53 -3.03
#